data_3U4W
#
_entry.id   3U4W
#
_cell.length_a   143.610
_cell.length_b   143.610
_cell.length_c   41.510
_cell.angle_alpha   90.000
_cell.angle_beta   90.000
_cell.angle_gamma   120.000
#
_symmetry.space_group_name_H-M   'P 3 2 1'
#
loop_
_entity.id
_entity.type
_entity.pdbx_description
1 polymer 'Proto-oncogene tyrosine-protein kinase Src'
2 polymer 'macrocyclic inhibitor MC4B'
3 non-polymer GLYCEROL
4 non-polymer 'SULFATE ION'
5 water water
#
loop_
_entity_poly.entity_id
_entity_poly.type
_entity_poly.pdbx_seq_one_letter_code
_entity_poly.pdbx_strand_id
1 'polypeptide(L)'
;AWEIPRESLRLEVKLGQGCFGEVWMGTWNGTTRVAIKTLKPGTMSPEAFLQEAQVMKKLRHEKLVQLYAVVSEEPIYIVT
EYMSKGSLLDFLKGEMGKYLRLPQLVDMAAQIASGMAYVERMNYVHRDLRAANILVGENLVCKVADFGLARLIEDNEYTA
RQGAKFPIKWTAPEAALYGRFTIKSDVWSFGILLTELTTKGRVPYPGMVNREVLDQVERGYRMPCPPECPESLHDLMCQC
WRKDPEERPTFEYLQAFLEDYFTSTEPQYQPGENL
;
A
2 'polypeptide(L)' (FUM)(ALC)F(08M)(DAB) B
#
# COMPACT_ATOMS: atom_id res chain seq x y z
N ALA A 1 11.75 6.27 -23.79
CA ALA A 1 11.86 5.48 -22.57
C ALA A 1 10.55 5.52 -21.80
N TRP A 2 9.47 5.14 -22.47
CA TRP A 2 8.11 5.20 -21.92
C TRP A 2 7.67 6.65 -21.67
N GLU A 3 8.51 7.58 -22.07
CA GLU A 3 8.19 9.00 -21.92
C GLU A 3 7.23 9.43 -23.02
N ILE A 4 6.19 10.17 -22.65
CA ILE A 4 5.23 10.65 -23.63
C ILE A 4 5.09 12.16 -23.58
N PRO A 5 4.57 12.76 -24.66
CA PRO A 5 4.28 14.20 -24.65
C PRO A 5 3.17 14.52 -23.65
N ARG A 6 3.33 15.56 -22.86
CA ARG A 6 2.29 15.92 -21.89
C ARG A 6 0.93 16.12 -22.58
N GLU A 7 0.96 16.61 -23.81
CA GLU A 7 -0.29 16.92 -24.51
C GLU A 7 -1.00 15.69 -25.07
N SER A 8 -0.39 14.51 -24.94
CA SER A 8 -1.07 13.28 -25.35
C SER A 8 -2.02 12.81 -24.25
N LEU A 9 -2.08 13.55 -23.16
CA LEU A 9 -2.95 13.21 -22.03
C LEU A 9 -4.02 14.27 -21.83
N ARG A 10 -5.22 13.82 -21.50
CA ARG A 10 -6.27 14.73 -21.09
C ARG A 10 -6.72 14.37 -19.67
N LEU A 11 -6.51 15.29 -18.74
CA LEU A 11 -6.85 15.05 -17.33
C LEU A 11 -8.25 15.56 -17.13
N GLU A 12 -9.21 14.65 -16.96
CA GLU A 12 -10.61 15.01 -17.07
C GLU A 12 -11.33 15.21 -15.75
N VAL A 13 -11.15 14.27 -14.82
CA VAL A 13 -11.89 14.27 -13.58
C VAL A 13 -10.97 14.03 -12.38
N LYS A 14 -11.10 14.82 -11.33
CA LYS A 14 -10.21 14.64 -10.19
C LYS A 14 -10.65 13.43 -9.38
N LEU A 15 -9.69 12.58 -9.02
CA LEU A 15 -9.99 11.37 -8.25
C LEU A 15 -9.56 11.51 -6.81
N GLY A 16 -8.53 12.32 -6.56
CA GLY A 16 -8.06 12.48 -5.21
C GLY A 16 -6.86 13.39 -5.07
N GLN A 17 -6.45 13.61 -3.84
CA GLN A 17 -5.28 14.42 -3.53
C GLN A 17 -4.62 13.84 -2.28
N GLY A 18 -3.30 13.92 -2.22
CA GLY A 18 -2.59 13.43 -1.06
C GLY A 18 -1.41 14.33 -0.70
N CYS A 19 -0.54 13.81 0.15
CA CYS A 19 0.58 14.57 0.66
C CYS A 19 1.55 15.06 -0.42
N PHE A 20 1.60 14.36 -1.54
CA PHE A 20 2.61 14.68 -2.56
C PHE A 20 2.09 15.00 -3.95
N GLY A 21 0.78 14.99 -4.12
CA GLY A 21 0.24 15.32 -5.42
C GLY A 21 -1.23 15.01 -5.54
N GLU A 22 -1.70 14.96 -6.77
CA GLU A 22 -3.11 14.74 -7.05
C GLU A 22 -3.24 13.60 -8.04
N VAL A 23 -4.44 13.08 -8.23
CA VAL A 23 -4.62 12.07 -9.26
C VAL A 23 -5.91 12.34 -10.01
N TRP A 24 -5.91 12.06 -11.31
CA TRP A 24 -7.03 12.41 -12.18
C TRP A 24 -7.40 11.21 -13.04
N MET A 25 -8.68 11.08 -13.37
CA MET A 25 -9.08 10.12 -14.39
C MET A 25 -8.99 10.84 -15.74
N GLY A 26 -8.50 10.16 -16.78
CA GLY A 26 -8.38 10.82 -18.07
C GLY A 26 -8.21 9.93 -19.27
N THR A 27 -7.75 10.50 -20.37
CA THR A 27 -7.61 9.77 -21.62
C THR A 27 -6.21 9.97 -22.18
N TRP A 28 -5.65 8.89 -22.71
CA TRP A 28 -4.31 8.89 -23.30
C TRP A 28 -4.45 8.64 -24.79
N ASN A 29 -3.82 9.48 -25.61
CA ASN A 29 -3.89 9.35 -27.06
C ASN A 29 -5.32 9.39 -27.60
N GLY A 30 -6.22 10.00 -26.83
CA GLY A 30 -7.60 10.17 -27.25
C GLY A 30 -8.39 8.88 -27.37
N THR A 31 -7.86 7.78 -26.84
CA THR A 31 -8.50 6.48 -27.01
C THR A 31 -8.53 5.62 -25.75
N THR A 32 -7.57 5.87 -24.85
CA THR A 32 -7.37 4.95 -23.73
C THR A 32 -7.68 5.59 -22.39
N ARG A 33 -8.55 4.92 -21.63
CA ARG A 33 -8.85 5.34 -20.27
C ARG A 33 -7.63 5.10 -19.38
N VAL A 34 -7.23 6.11 -18.62
CA VAL A 34 -6.06 5.99 -17.74
C VAL A 34 -6.27 6.83 -16.48
N ALA A 35 -5.43 6.62 -15.48
CA ALA A 35 -5.31 7.59 -14.41
C ALA A 35 -3.97 8.32 -14.59
N ILE A 36 -3.93 9.59 -14.19
CA ILE A 36 -2.70 10.35 -14.23
C ILE A 36 -2.46 10.90 -12.83
N LYS A 37 -1.36 10.46 -12.22
CA LYS A 37 -0.92 10.99 -10.96
C LYS A 37 0.04 12.14 -11.23
N THR A 38 -0.14 13.25 -10.52
CA THR A 38 0.65 14.45 -10.80
C THR A 38 1.37 14.90 -9.55
N LEU A 39 2.71 14.98 -9.64
CA LEU A 39 3.55 15.24 -8.48
C LEU A 39 3.88 16.72 -8.29
N LYS A 40 3.78 17.20 -7.05
CA LYS A 40 4.19 18.55 -6.71
C LYS A 40 5.65 18.74 -7.10
N PRO A 41 5.96 19.80 -7.85
CA PRO A 41 7.35 20.10 -8.20
C PRO A 41 8.22 20.13 -6.94
N GLY A 42 9.48 19.71 -7.08
CA GLY A 42 10.40 19.69 -5.95
C GLY A 42 10.34 18.40 -5.14
N THR A 43 9.42 17.50 -5.51
CA THR A 43 9.23 16.25 -4.77
C THR A 43 10.32 15.23 -5.07
N MET A 44 10.71 15.13 -6.33
CA MET A 44 11.75 14.19 -6.71
C MET A 44 12.45 14.59 -7.99
N SER A 45 13.68 14.11 -8.14
CA SER A 45 14.47 14.33 -9.34
C SER A 45 13.85 13.68 -10.58
N PRO A 46 13.59 14.49 -11.62
CA PRO A 46 13.10 13.92 -12.88
C PRO A 46 14.02 12.83 -13.43
N GLU A 47 15.34 13.01 -13.32
CA GLU A 47 16.25 11.98 -13.83
C GLU A 47 16.18 10.70 -12.97
N ALA A 48 16.25 10.86 -11.66
CA ALA A 48 16.11 9.71 -10.76
C ALA A 48 14.76 9.01 -10.98
N PHE A 49 13.70 9.80 -11.19
CA PHE A 49 12.38 9.23 -11.44
C PHE A 49 12.33 8.46 -12.75
N LEU A 50 12.87 9.05 -13.80
CA LEU A 50 12.88 8.39 -15.11
C LEU A 50 13.62 7.05 -15.05
N GLN A 51 14.73 7.02 -14.31
CA GLN A 51 15.50 5.80 -14.14
C GLN A 51 14.67 4.73 -13.44
N GLU A 52 14.05 5.10 -12.33
CA GLU A 52 13.21 4.15 -11.58
C GLU A 52 11.99 3.72 -12.38
N ALA A 53 11.47 4.60 -13.22
CA ALA A 53 10.30 4.27 -14.02
C ALA A 53 10.56 3.06 -14.92
N GLN A 54 11.80 2.90 -15.37
CA GLN A 54 12.13 1.78 -16.23
C GLN A 54 11.91 0.47 -15.47
N VAL A 55 12.19 0.48 -14.17
CA VAL A 55 11.92 -0.67 -13.31
C VAL A 55 10.42 -0.85 -13.06
N MET A 56 9.75 0.25 -12.72
CA MET A 56 8.31 0.19 -12.45
C MET A 56 7.55 -0.41 -13.63
N LYS A 57 8.03 -0.12 -14.84
CA LYS A 57 7.37 -0.62 -16.05
C LYS A 57 7.43 -2.15 -16.15
N LYS A 58 8.45 -2.75 -15.55
CA LYS A 58 8.64 -4.19 -15.65
C LYS A 58 7.71 -5.00 -14.74
N LEU A 59 7.09 -4.33 -13.78
CA LEU A 59 6.20 -5.01 -12.85
C LEU A 59 4.82 -5.21 -13.47
N ARG A 60 4.60 -6.41 -14.00
CA ARG A 60 3.34 -6.71 -14.68
C ARG A 60 2.65 -7.87 -13.98
N HIS A 61 1.58 -7.57 -13.26
CA HIS A 61 0.84 -8.55 -12.47
C HIS A 61 -0.57 -8.04 -12.24
N GLU A 62 -1.54 -8.95 -12.20
CA GLU A 62 -2.94 -8.56 -12.10
C GLU A 62 -3.26 -7.79 -10.83
N LYS A 63 -2.46 -7.92 -9.79
CA LYS A 63 -2.76 -7.24 -8.52
C LYS A 63 -1.82 -6.07 -8.24
N LEU A 64 -1.07 -5.66 -9.25
CA LEU A 64 -0.27 -4.44 -9.18
C LEU A 64 -0.83 -3.46 -10.20
N VAL A 65 -1.07 -2.22 -9.78
CA VAL A 65 -1.58 -1.21 -10.71
C VAL A 65 -0.52 -0.98 -11.79
N GLN A 66 -0.88 -1.20 -13.05
CA GLN A 66 0.11 -1.17 -14.13
C GLN A 66 0.55 0.24 -14.51
N LEU A 67 1.86 0.44 -14.65
CA LEU A 67 2.38 1.68 -15.22
C LEU A 67 2.28 1.65 -16.73
N TYR A 68 1.75 2.72 -17.32
CA TYR A 68 1.64 2.81 -18.77
C TYR A 68 2.71 3.71 -19.38
N ALA A 69 2.86 4.91 -18.80
CA ALA A 69 3.73 5.93 -19.37
C ALA A 69 4.05 7.00 -18.34
N VAL A 70 5.01 7.86 -18.65
CA VAL A 70 5.39 8.94 -17.75
C VAL A 70 5.68 10.23 -18.52
N VAL A 71 5.53 11.35 -17.82
CA VAL A 71 6.08 12.62 -18.26
C VAL A 71 7.08 13.03 -17.19
N SER A 72 8.37 12.99 -17.50
CA SER A 72 9.39 13.16 -16.47
C SER A 72 9.67 14.62 -16.09
N GLU A 73 9.28 15.56 -16.94
CA GLU A 73 9.47 16.98 -16.63
C GLU A 73 8.47 17.42 -15.57
N GLU A 74 8.91 18.24 -14.63
CA GLU A 74 8.02 18.74 -13.58
C GLU A 74 6.95 19.65 -14.17
N PRO A 75 5.69 19.51 -13.69
CA PRO A 75 5.27 18.54 -12.69
C PRO A 75 5.22 17.13 -13.29
N ILE A 76 5.87 16.18 -12.63
CA ILE A 76 5.92 14.81 -13.13
C ILE A 76 4.53 14.20 -13.20
N TYR A 77 4.23 13.56 -14.32
CA TYR A 77 2.99 12.80 -14.48
C TYR A 77 3.32 11.31 -14.52
N ILE A 78 2.54 10.53 -13.79
CA ILE A 78 2.65 9.07 -13.83
C ILE A 78 1.33 8.53 -14.39
N VAL A 79 1.40 7.85 -15.53
CA VAL A 79 0.18 7.39 -16.22
C VAL A 79 -0.02 5.91 -15.98
N THR A 80 -1.15 5.55 -15.36
CA THR A 80 -1.34 4.17 -14.94
C THR A 80 -2.71 3.65 -15.31
N GLU A 81 -2.88 2.35 -15.06
CA GLU A 81 -4.17 1.71 -15.06
C GLU A 81 -5.10 2.50 -14.15
N TYR A 82 -6.37 2.61 -14.55
CA TYR A 82 -7.39 3.32 -13.76
C TYR A 82 -8.26 2.37 -12.92
N MET A 83 -8.39 2.64 -11.63
CA MET A 83 -9.23 1.85 -10.72
C MET A 83 -10.37 2.73 -10.26
N SER A 84 -11.60 2.23 -10.35
CA SER A 84 -12.77 3.09 -10.20
C SER A 84 -13.25 3.35 -8.77
N LYS A 85 -12.80 2.58 -7.78
CA LYS A 85 -13.37 2.72 -6.45
C LYS A 85 -12.50 3.43 -5.40
N GLY A 86 -11.40 4.05 -5.85
CA GLY A 86 -10.60 4.88 -4.96
C GLY A 86 -9.63 4.12 -4.07
N SER A 87 -9.07 4.80 -3.09
CA SER A 87 -8.10 4.17 -2.20
C SER A 87 -8.81 3.22 -1.26
N LEU A 88 -8.09 2.17 -0.88
CA LEU A 88 -8.64 1.20 0.06
C LEU A 88 -8.94 1.85 1.40
N LEU A 89 -8.09 2.80 1.82
CA LEU A 89 -8.29 3.45 3.11
C LEU A 89 -9.63 4.16 3.13
N ASP A 90 -9.90 4.94 2.08
CA ASP A 90 -11.16 5.68 2.00
C ASP A 90 -12.33 4.71 1.84
N PHE A 91 -12.10 3.63 1.11
CA PHE A 91 -13.12 2.61 0.93
C PHE A 91 -13.53 2.04 2.28
N LEU A 92 -12.55 1.72 3.11
CA LEU A 92 -12.81 1.14 4.43
C LEU A 92 -13.52 2.10 5.39
N LYS A 93 -13.21 3.39 5.26
CA LYS A 93 -13.76 4.42 6.14
C LYS A 93 -15.14 4.90 5.70
N GLY A 94 -15.48 4.61 4.45
CA GLY A 94 -16.69 5.14 3.86
C GLY A 94 -17.90 4.25 4.05
N GLU A 95 -18.89 4.45 3.19
CA GLU A 95 -20.17 3.77 3.33
C GLU A 95 -20.07 2.26 3.10
N MET A 96 -19.22 1.82 2.18
CA MET A 96 -19.07 0.39 1.94
C MET A 96 -18.39 -0.32 3.11
N GLY A 97 -17.62 0.41 3.89
CA GLY A 97 -16.89 -0.18 5.00
C GLY A 97 -17.79 -0.96 5.92
N LYS A 98 -19.01 -0.47 6.08
CA LYS A 98 -19.98 -1.08 6.99
C LYS A 98 -20.52 -2.41 6.46
N TYR A 99 -20.39 -2.63 5.15
CA TYR A 99 -20.89 -3.85 4.54
C TYR A 99 -19.82 -4.93 4.41
N LEU A 100 -18.58 -4.57 4.72
CA LEU A 100 -17.50 -5.55 4.60
C LEU A 100 -17.39 -6.37 5.89
N ARG A 101 -17.24 -7.68 5.74
CA ARG A 101 -17.04 -8.55 6.89
C ARG A 101 -15.73 -9.29 6.70
N LEU A 102 -15.37 -10.14 7.65
CA LEU A 102 -14.06 -10.79 7.60
C LEU A 102 -13.74 -11.47 6.26
N PRO A 103 -14.70 -12.22 5.69
CA PRO A 103 -14.39 -12.91 4.42
C PRO A 103 -14.00 -11.95 3.30
N GLN A 104 -14.67 -10.80 3.18
CA GLN A 104 -14.27 -9.82 2.18
C GLN A 104 -12.89 -9.23 2.48
N LEU A 105 -12.67 -8.89 3.75
CA LEU A 105 -11.42 -8.25 4.16
C LEU A 105 -10.25 -9.20 3.99
N VAL A 106 -10.46 -10.47 4.32
CA VAL A 106 -9.41 -11.47 4.15
C VAL A 106 -9.10 -11.67 2.68
N ASP A 107 -10.14 -11.69 1.84
CA ASP A 107 -9.91 -11.83 0.40
C ASP A 107 -9.17 -10.63 -0.17
N MET A 108 -9.51 -9.43 0.28
CA MET A 108 -8.78 -8.24 -0.14
C MET A 108 -7.30 -8.33 0.29
N ALA A 109 -7.06 -8.75 1.52
CA ALA A 109 -5.69 -8.96 1.99
C ALA A 109 -4.94 -9.99 1.12
N ALA A 110 -5.65 -11.05 0.73
CA ALA A 110 -5.05 -12.12 -0.07
C ALA A 110 -4.64 -11.59 -1.45
N GLN A 111 -5.47 -10.74 -2.03
CA GLN A 111 -5.15 -10.11 -3.31
C GLN A 111 -3.91 -9.23 -3.19
N ILE A 112 -3.86 -8.44 -2.13
CA ILE A 112 -2.71 -7.56 -1.90
C ILE A 112 -1.44 -8.40 -1.71
N ALA A 113 -1.55 -9.48 -0.93
CA ALA A 113 -0.43 -10.38 -0.72
C ALA A 113 0.05 -10.99 -2.03
N SER A 114 -0.89 -11.26 -2.93
CA SER A 114 -0.55 -11.82 -4.25
C SER A 114 0.29 -10.84 -5.08
N GLY A 115 -0.13 -9.59 -5.14
CA GLY A 115 0.67 -8.59 -5.82
C GLY A 115 2.05 -8.45 -5.17
N MET A 116 2.08 -8.41 -3.83
CA MET A 116 3.35 -8.27 -3.12
C MET A 116 4.23 -9.52 -3.25
N ALA A 117 3.62 -10.68 -3.45
CA ALA A 117 4.36 -11.91 -3.67
C ALA A 117 5.10 -11.85 -5.02
N TYR A 118 4.49 -11.18 -5.99
CA TYR A 118 5.14 -10.93 -7.27
C TYR A 118 6.34 -10.00 -7.09
N VAL A 119 6.15 -8.90 -6.36
CA VAL A 119 7.22 -7.98 -6.02
C VAL A 119 8.37 -8.72 -5.33
N GLU A 120 8.00 -9.63 -4.44
CA GLU A 120 8.95 -10.43 -3.70
C GLU A 120 9.72 -11.37 -4.64
N ARG A 121 9.01 -12.01 -5.55
CA ARG A 121 9.60 -12.91 -6.56
C ARG A 121 10.57 -12.16 -7.45
N MET A 122 10.24 -10.90 -7.70
CA MET A 122 11.04 -10.06 -8.59
C MET A 122 12.18 -9.37 -7.84
N ASN A 123 12.32 -9.66 -6.56
CA ASN A 123 13.43 -9.11 -5.76
C ASN A 123 13.37 -7.60 -5.67
N TYR A 124 12.17 -7.06 -5.61
CA TYR A 124 11.98 -5.62 -5.45
C TYR A 124 11.37 -5.30 -4.09
N VAL A 125 11.20 -4.01 -3.81
CA VAL A 125 10.74 -3.55 -2.49
C VAL A 125 9.79 -2.39 -2.71
N HIS A 126 8.63 -2.41 -2.04
CA HIS A 126 7.66 -1.34 -2.25
C HIS A 126 8.02 -0.08 -1.46
N ARG A 127 8.22 -0.26 -0.15
CA ARG A 127 8.63 0.79 0.80
C ARG A 127 7.48 1.57 1.47
N ASP A 128 6.28 1.53 0.89
CA ASP A 128 5.16 2.24 1.50
C ASP A 128 3.84 1.51 1.26
N LEU A 129 3.78 0.29 1.76
CA LEU A 129 2.58 -0.52 1.66
C LEU A 129 1.66 -0.14 2.81
N ARG A 130 0.47 0.35 2.47
CA ARG A 130 -0.59 0.62 3.45
C ARG A 130 -1.87 0.89 2.69
N ALA A 131 -2.99 0.94 3.40
CA ALA A 131 -4.29 1.06 2.73
C ALA A 131 -4.39 2.32 1.87
N ALA A 132 -3.72 3.39 2.28
CA ALA A 132 -3.76 4.63 1.51
C ALA A 132 -3.21 4.46 0.10
N ASN A 133 -2.33 3.47 -0.08
CA ASN A 133 -1.68 3.28 -1.37
C ASN A 133 -2.14 2.01 -2.09
N ILE A 134 -3.30 1.51 -1.68
CA ILE A 134 -3.94 0.37 -2.35
C ILE A 134 -5.19 0.91 -3.03
N LEU A 135 -5.56 0.36 -4.18
CA LEU A 135 -6.73 0.83 -4.92
C LEU A 135 -7.77 -0.26 -5.03
N VAL A 136 -9.03 0.15 -5.09
CA VAL A 136 -10.16 -0.77 -5.12
C VAL A 136 -10.88 -0.62 -6.46
N GLY A 137 -11.35 -1.73 -7.02
CA GLY A 137 -12.11 -1.71 -8.27
C GLY A 137 -13.43 -2.45 -8.12
N GLU A 138 -14.12 -2.65 -9.24
CA GLU A 138 -15.40 -3.38 -9.19
C GLU A 138 -15.16 -4.79 -8.68
N ASN A 139 -16.19 -5.36 -8.06
CA ASN A 139 -16.13 -6.72 -7.54
C ASN A 139 -15.11 -6.87 -6.41
N LEU A 140 -14.87 -5.77 -5.69
CA LEU A 140 -13.93 -5.76 -4.57
C LEU A 140 -12.54 -6.24 -4.97
N VAL A 141 -12.11 -5.89 -6.16
CA VAL A 141 -10.73 -6.14 -6.57
C VAL A 141 -9.83 -5.11 -5.88
N CYS A 142 -8.66 -5.54 -5.42
CA CYS A 142 -7.69 -4.64 -4.78
C CYS A 142 -6.34 -4.80 -5.47
N LYS A 143 -5.67 -3.68 -5.73
CA LYS A 143 -4.37 -3.70 -6.38
C LYS A 143 -3.41 -2.74 -5.69
N VAL A 144 -2.13 -3.10 -5.67
CA VAL A 144 -1.11 -2.28 -5.02
C VAL A 144 -0.60 -1.20 -5.97
N ALA A 145 -0.63 0.06 -5.52
CA ALA A 145 -0.16 1.16 -6.34
C ALA A 145 1.12 1.75 -5.77
N ASP A 146 1.77 2.60 -6.57
CA ASP A 146 2.84 3.50 -6.11
C ASP A 146 4.16 2.80 -5.74
N PHE A 147 4.35 1.60 -6.27
CA PHE A 147 5.65 0.93 -6.12
CA PHE A 147 5.62 0.95 -5.99
C PHE A 147 6.78 1.74 -6.57
N GLY A 148 7.87 1.89 -5.80
CA GLY A 148 9.09 2.54 -6.25
C GLY A 148 9.18 4.04 -6.09
N LEU A 149 8.12 4.67 -5.57
CA LEU A 149 8.13 6.12 -5.40
C LEU A 149 8.78 6.57 -4.09
N ALA A 150 8.56 5.80 -3.03
CA ALA A 150 9.01 6.23 -1.70
C ALA A 150 10.49 6.57 -1.67
N ARG A 151 11.30 5.75 -2.32
CA ARG A 151 12.75 5.93 -2.29
C ARG A 151 13.19 7.27 -2.87
N LEU A 152 12.38 7.81 -3.78
CA LEU A 152 12.75 8.99 -4.57
C LEU A 152 12.38 10.33 -3.95
N ILE A 153 11.47 10.31 -2.97
CA ILE A 153 11.00 11.53 -2.34
C ILE A 153 12.12 12.31 -1.65
N GLU A 154 12.15 13.62 -1.86
CA GLU A 154 13.23 14.44 -1.31
C GLU A 154 12.83 15.44 -0.21
N ASP A 155 11.53 15.47 0.12
CA ASP A 155 11.00 16.29 1.22
C ASP A 155 11.93 16.29 2.43
N ASN A 156 12.22 17.48 2.96
CA ASN A 156 13.22 17.63 4.03
C ASN A 156 12.99 16.69 5.22
N GLU A 157 11.88 16.88 5.91
CA GLU A 157 11.60 16.08 7.08
C GLU A 157 11.45 14.61 6.70
N TYR A 158 10.78 14.36 5.58
CA TYR A 158 10.54 13.00 5.09
C TYR A 158 11.84 12.19 4.91
N THR A 159 12.89 12.81 4.40
CA THR A 159 14.14 12.08 4.22
C THR A 159 14.76 11.73 5.57
N ALA A 160 14.38 12.49 6.60
CA ALA A 160 14.81 12.20 7.97
C ALA A 160 13.88 11.19 8.62
N ARG A 161 12.94 10.68 7.84
CA ARG A 161 11.93 9.74 8.33
C ARG A 161 11.21 10.31 9.56
N GLN A 162 10.79 11.57 9.44
CA GLN A 162 10.07 12.27 10.51
C GLN A 162 9.02 13.18 9.87
N GLY A 163 8.17 13.78 10.70
CA GLY A 163 7.21 14.75 10.20
C GLY A 163 5.91 14.12 9.78
N ALA A 164 4.94 14.95 9.42
CA ALA A 164 3.58 14.45 9.16
C ALA A 164 3.46 13.59 7.90
N LYS A 165 4.42 13.70 6.99
CA LYS A 165 4.31 12.99 5.73
C LYS A 165 4.97 11.60 5.72
N PHE A 166 5.77 11.31 6.74
CA PHE A 166 6.39 9.99 6.80
C PHE A 166 5.58 9.01 7.68
N PRO A 167 5.12 7.90 7.09
CA PRO A 167 4.20 6.99 7.78
C PRO A 167 4.88 6.11 8.83
N ILE A 168 5.40 6.73 9.89
CA ILE A 168 6.10 6.00 10.96
C ILE A 168 5.28 4.81 11.48
N LYS A 169 3.98 5.03 11.69
CA LYS A 169 3.14 3.99 12.29
C LYS A 169 2.97 2.74 11.42
N TRP A 170 3.23 2.86 10.13
CA TRP A 170 3.05 1.75 9.19
C TRP A 170 4.36 1.09 8.81
N THR A 171 5.47 1.62 9.34
CA THR A 171 6.81 1.27 8.87
C THR A 171 7.52 0.35 9.87
N ALA A 172 8.20 -0.70 9.37
CA ALA A 172 8.98 -1.56 10.26
C ALA A 172 10.03 -0.76 11.03
N PRO A 173 10.31 -1.13 12.29
CA PRO A 173 11.27 -0.33 13.06
C PRO A 173 12.64 -0.20 12.41
N GLU A 174 13.14 -1.25 11.78
CA GLU A 174 14.46 -1.16 11.18
C GLU A 174 14.44 -0.22 9.98
N ALA A 175 13.28 -0.11 9.32
CA ALA A 175 13.16 0.83 8.20
C ALA A 175 12.96 2.27 8.71
N ALA A 176 12.04 2.44 9.67
CA ALA A 176 11.76 3.76 10.24
C ALA A 176 13.00 4.35 10.91
N LEU A 177 13.69 3.53 11.70
CA LEU A 177 14.84 4.04 12.44
C LEU A 177 16.09 4.18 11.58
N TYR A 178 16.33 3.18 10.73
CA TYR A 178 17.65 3.06 10.08
C TYR A 178 17.60 3.13 8.57
N GLY A 179 16.39 3.21 7.99
CA GLY A 179 16.30 3.25 6.54
C GLY A 179 16.60 1.90 5.89
N ARG A 180 16.51 0.83 6.66
CA ARG A 180 16.74 -0.51 6.12
C ARG A 180 15.46 -1.06 5.50
N PHE A 181 15.16 -0.65 4.27
CA PHE A 181 13.93 -1.08 3.60
C PHE A 181 14.20 -2.37 2.82
N THR A 182 13.40 -3.40 3.09
CA THR A 182 13.54 -4.67 2.38
C THR A 182 12.14 -5.23 2.17
N ILE A 183 12.05 -6.36 1.46
CA ILE A 183 10.75 -7.01 1.32
C ILE A 183 10.20 -7.36 2.70
N LYS A 184 11.10 -7.60 3.65
CA LYS A 184 10.68 -7.95 5.01
C LYS A 184 10.11 -6.74 5.78
N SER A 185 10.60 -5.54 5.51
CA SER A 185 9.92 -4.37 6.08
C SER A 185 8.55 -4.18 5.41
N ASP A 186 8.42 -4.53 4.12
CA ASP A 186 7.10 -4.53 3.48
C ASP A 186 6.16 -5.53 4.18
N VAL A 187 6.69 -6.70 4.57
CA VAL A 187 5.89 -7.67 5.32
C VAL A 187 5.34 -7.09 6.64
N TRP A 188 6.20 -6.39 7.39
CA TRP A 188 5.74 -5.71 8.61
C TRP A 188 4.57 -4.80 8.26
N SER A 189 4.72 -4.01 7.21
CA SER A 189 3.68 -3.06 6.82
C SER A 189 2.38 -3.78 6.46
N PHE A 190 2.51 -4.95 5.85
CA PHE A 190 1.35 -5.77 5.55
C PHE A 190 0.62 -6.18 6.83
N GLY A 191 1.38 -6.49 7.87
CA GLY A 191 0.80 -6.74 9.17
C GLY A 191 -0.04 -5.56 9.65
N ILE A 192 0.53 -4.36 9.56
CA ILE A 192 -0.24 -3.15 9.89
C ILE A 192 -1.47 -3.01 9.01
N LEU A 193 -1.31 -3.28 7.71
CA LEU A 193 -2.45 -3.29 6.79
C LEU A 193 -3.57 -4.23 7.23
N LEU A 194 -3.22 -5.41 7.75
CA LEU A 194 -4.26 -6.32 8.25
C LEU A 194 -5.04 -5.68 9.40
N THR A 195 -4.35 -4.88 10.20
CA THR A 195 -5.04 -4.15 11.27
C THR A 195 -5.93 -3.07 10.66
N GLU A 196 -5.46 -2.37 9.64
CA GLU A 196 -6.32 -1.38 8.99
C GLU A 196 -7.59 -2.03 8.46
N LEU A 197 -7.42 -3.19 7.84
CA LEU A 197 -8.56 -3.90 7.26
C LEU A 197 -9.56 -4.31 8.33
N THR A 198 -9.07 -4.79 9.47
CA THR A 198 -9.97 -5.32 10.49
C THR A 198 -10.51 -4.25 11.43
N THR A 199 -10.05 -3.01 11.26
CA THR A 199 -10.55 -1.92 12.10
C THR A 199 -11.22 -0.85 11.22
N LYS A 200 -11.54 -1.23 10.00
CA LYS A 200 -12.21 -0.36 9.03
C LYS A 200 -11.50 0.97 8.85
N GLY A 201 -10.17 0.94 8.75
CA GLY A 201 -9.44 2.13 8.40
C GLY A 201 -9.00 3.01 9.55
N ARG A 202 -9.16 2.54 10.79
CA ARG A 202 -8.64 3.25 11.96
C ARG A 202 -7.12 3.42 11.85
N VAL A 203 -6.58 4.53 12.36
CA VAL A 203 -5.14 4.70 12.38
C VAL A 203 -4.53 3.58 13.26
N PRO A 204 -3.34 3.08 12.89
CA PRO A 204 -2.64 2.13 13.77
C PRO A 204 -2.24 2.81 15.09
N TYR A 205 -1.96 2.02 16.13
CA TYR A 205 -1.55 2.55 17.43
C TYR A 205 -2.37 3.77 17.88
N PRO A 206 -3.70 3.62 17.92
CA PRO A 206 -4.54 4.77 18.29
C PRO A 206 -4.13 5.35 19.64
N GLY A 207 -4.09 6.68 19.73
CA GLY A 207 -3.75 7.34 20.98
C GLY A 207 -2.26 7.40 21.27
N MET A 208 -1.44 6.82 20.40
CA MET A 208 0.01 6.83 20.60
C MET A 208 0.67 7.79 19.62
N VAL A 209 1.73 8.47 20.06
CA VAL A 209 2.46 9.37 19.17
C VAL A 209 3.63 8.62 18.55
N ASN A 210 4.18 9.16 17.48
CA ASN A 210 5.20 8.45 16.69
C ASN A 210 6.38 7.93 17.50
N ARG A 211 6.91 8.77 18.39
CA ARG A 211 8.11 8.36 19.14
C ARG A 211 7.79 7.27 20.15
N GLU A 212 6.61 7.37 20.75
CA GLU A 212 6.12 6.39 21.70
C GLU A 212 5.95 5.05 20.99
N VAL A 213 5.42 5.09 19.77
CA VAL A 213 5.28 3.86 18.99
C VAL A 213 6.63 3.18 18.75
N LEU A 214 7.60 3.95 18.26
CA LEU A 214 8.95 3.42 18.02
C LEU A 214 9.61 2.88 19.29
N ASP A 215 9.54 3.64 20.38
CA ASP A 215 10.11 3.17 21.65
C ASP A 215 9.46 1.88 22.13
N GLN A 216 8.13 1.85 22.12
CA GLN A 216 7.38 0.73 22.65
C GLN A 216 7.55 -0.51 21.79
N VAL A 217 7.48 -0.33 20.49
CA VAL A 217 7.66 -1.45 19.58
C VAL A 217 9.06 -2.06 19.76
N GLU A 218 10.07 -1.21 19.95
CA GLU A 218 11.42 -1.70 20.19
C GLU A 218 11.47 -2.52 21.48
N ARG A 219 10.66 -2.14 22.47
CA ARG A 219 10.61 -2.86 23.74
C ARG A 219 9.71 -4.10 23.67
N GLY A 220 9.09 -4.34 22.52
CA GLY A 220 8.29 -5.55 22.34
C GLY A 220 6.79 -5.33 22.25
N TYR A 221 6.33 -4.09 22.41
CA TYR A 221 4.89 -3.83 22.28
C TYR A 221 4.39 -4.18 20.87
N ARG A 222 3.22 -4.82 20.80
CA ARG A 222 2.53 -5.06 19.53
C ARG A 222 1.05 -4.76 19.70
N MET A 223 0.42 -4.25 18.65
CA MET A 223 -1.02 -3.97 18.72
C MET A 223 -1.78 -5.24 19.07
N PRO A 224 -2.86 -5.10 19.85
CA PRO A 224 -3.67 -6.23 20.28
C PRO A 224 -4.58 -6.75 19.17
N CYS A 225 -5.32 -7.81 19.47
CA CYS A 225 -6.30 -8.37 18.54
C CYS A 225 -7.55 -7.48 18.53
N PRO A 226 -7.95 -6.99 17.35
CA PRO A 226 -9.16 -6.15 17.27
C PRO A 226 -10.42 -6.92 17.68
N PRO A 227 -11.45 -6.20 18.14
CA PRO A 227 -12.73 -6.85 18.48
C PRO A 227 -13.24 -7.66 17.29
N GLU A 228 -13.72 -8.87 17.56
CA GLU A 228 -14.30 -9.72 16.52
C GLU A 228 -13.29 -10.29 15.51
N CYS A 229 -12.01 -9.96 15.70
CA CYS A 229 -10.97 -10.55 14.85
C CYS A 229 -10.49 -11.86 15.47
N PRO A 230 -10.51 -12.96 14.69
CA PRO A 230 -10.06 -14.23 15.29
C PRO A 230 -8.60 -14.14 15.72
N GLU A 231 -8.24 -14.76 16.84
CA GLU A 231 -6.85 -14.73 17.29
C GLU A 231 -5.88 -15.29 16.25
N SER A 232 -6.31 -16.26 15.44
CA SER A 232 -5.41 -16.79 14.40
C SER A 232 -4.98 -15.70 13.42
N LEU A 233 -5.87 -14.73 13.15
CA LEU A 233 -5.49 -13.67 12.23
C LEU A 233 -4.56 -12.67 12.92
N HIS A 234 -4.79 -12.42 14.20
CA HIS A 234 -3.86 -11.60 14.98
C HIS A 234 -2.49 -12.27 15.08
N ASP A 235 -2.48 -13.59 15.20
CA ASP A 235 -1.21 -14.33 15.21
C ASP A 235 -0.45 -14.07 13.93
N LEU A 236 -1.15 -14.07 12.80
CA LEU A 236 -0.51 -13.77 11.52
C LEU A 236 0.10 -12.36 11.54
N MET A 237 -0.63 -11.39 12.08
CA MET A 237 -0.09 -10.04 12.20
C MET A 237 1.21 -10.05 13.03
N CYS A 238 1.17 -10.76 14.15
CA CYS A 238 2.32 -10.83 15.03
C CYS A 238 3.52 -11.49 14.36
N GLN A 239 3.29 -12.45 13.47
CA GLN A 239 4.38 -13.02 12.68
C GLN A 239 4.99 -11.96 11.77
N CYS A 240 4.13 -11.16 11.15
CA CYS A 240 4.58 -10.04 10.32
C CYS A 240 5.39 -9.01 11.11
N TRP A 241 5.13 -8.94 12.41
CA TRP A 241 5.78 -7.97 13.29
C TRP A 241 6.92 -8.58 14.11
N ARG A 242 7.49 -9.69 13.66
CA ARG A 242 8.63 -10.25 14.40
C ARG A 242 9.80 -9.27 14.38
N LYS A 243 10.51 -9.16 15.50
CA LYS A 243 11.61 -8.20 15.59
C LYS A 243 12.69 -8.49 14.55
N ASP A 244 13.04 -9.77 14.41
CA ASP A 244 14.01 -10.20 13.41
C ASP A 244 13.34 -10.28 12.04
N PRO A 245 13.75 -9.41 11.11
CA PRO A 245 13.08 -9.33 9.81
C PRO A 245 13.11 -10.65 9.05
N GLU A 246 14.21 -11.39 9.17
CA GLU A 246 14.35 -12.65 8.46
C GLU A 246 13.32 -13.70 8.90
N GLU A 247 12.79 -13.53 10.11
CA GLU A 247 11.84 -14.49 10.66
C GLU A 247 10.38 -14.16 10.38
N ARG A 248 10.14 -13.00 9.75
CA ARG A 248 8.81 -12.66 9.27
C ARG A 248 8.46 -13.53 8.08
N PRO A 249 7.17 -13.81 7.88
CA PRO A 249 6.75 -14.66 6.76
C PRO A 249 7.06 -14.03 5.41
N THR A 250 7.02 -14.85 4.37
CA THR A 250 7.06 -14.34 3.02
C THR A 250 5.66 -13.94 2.58
N PHE A 251 5.58 -13.11 1.55
CA PHE A 251 4.29 -12.82 0.93
C PHE A 251 3.71 -14.06 0.26
N GLU A 252 4.58 -14.93 -0.26
CA GLU A 252 4.10 -16.19 -0.82
C GLU A 252 3.30 -16.94 0.24
N TYR A 253 3.83 -17.01 1.46
CA TYR A 253 3.13 -17.63 2.57
C TYR A 253 1.86 -16.87 2.96
N LEU A 254 1.97 -15.55 3.11
CA LEU A 254 0.81 -14.75 3.48
C LEU A 254 -0.34 -14.94 2.50
N GLN A 255 -0.04 -14.93 1.21
CA GLN A 255 -1.07 -15.12 0.19
C GLN A 255 -1.80 -16.44 0.42
N ALA A 256 -1.04 -17.53 0.57
CA ALA A 256 -1.65 -18.86 0.67
C ALA A 256 -2.44 -19.02 1.97
N PHE A 257 -1.89 -18.53 3.07
CA PHE A 257 -2.60 -18.61 4.35
C PHE A 257 -3.95 -17.91 4.25
N LEU A 258 -3.96 -16.74 3.63
CA LEU A 258 -5.18 -15.93 3.58
C LEU A 258 -6.18 -16.51 2.59
N GLU A 259 -5.69 -17.02 1.46
CA GLU A 259 -6.59 -17.65 0.49
C GLU A 259 -7.30 -18.88 1.05
N ASP A 260 -6.62 -19.59 1.95
CA ASP A 260 -7.16 -20.84 2.52
C ASP A 260 -7.80 -20.64 3.90
N TYR A 261 -7.89 -19.39 4.34
CA TYR A 261 -8.23 -19.10 5.73
C TYR A 261 -9.51 -19.76 6.25
N PHE A 262 -10.58 -19.73 5.46
CA PHE A 262 -11.85 -20.19 6.01
C PHE A 262 -12.14 -21.68 5.81
N THR A 263 -11.20 -22.41 5.22
CA THR A 263 -11.27 -23.86 5.20
C THR A 263 -10.18 -24.48 6.09
N SER A 264 -8.95 -23.97 5.99
CA SER A 264 -7.84 -24.53 6.77
C SER A 264 -7.79 -24.03 8.20
N THR A 265 -8.23 -22.79 8.44
CA THR A 265 -7.96 -22.16 9.73
C THR A 265 -9.20 -21.80 10.54
N GLU A 266 -10.17 -21.13 9.93
CA GLU A 266 -11.37 -20.71 10.65
C GLU A 266 -12.66 -21.15 9.96
N PRO A 267 -12.84 -22.47 9.75
CA PRO A 267 -14.09 -22.93 9.13
C PRO A 267 -15.33 -22.71 9.99
N GLN A 268 -15.14 -22.44 11.28
CA GLN A 268 -16.26 -22.24 12.20
C GLN A 268 -16.65 -20.76 12.36
N TYR A 269 -16.10 -19.90 11.51
CA TYR A 269 -16.40 -18.47 11.56
C TYR A 269 -17.91 -18.20 11.53
N GLN A 270 -18.37 -17.28 12.38
CA GLN A 270 -19.74 -16.77 12.32
C GLN A 270 -19.68 -15.25 12.24
N PRO A 271 -20.47 -14.64 11.35
CA PRO A 271 -20.45 -13.18 11.22
C PRO A 271 -20.89 -12.45 12.48
N GLY A 272 -20.17 -11.39 12.81
CA GLY A 272 -20.49 -10.58 13.96
C GLY A 272 -21.07 -9.25 13.51
N GLU A 273 -21.13 -8.30 14.42
CA GLU A 273 -21.67 -6.98 14.11
C GLU A 273 -20.79 -6.25 13.09
N ASN A 274 -19.48 -6.35 13.25
CA ASN A 274 -18.55 -5.61 12.41
C ASN A 274 -17.70 -6.48 11.48
N LEU A 275 -17.26 -7.64 11.97
CA LEU A 275 -16.42 -8.55 11.20
C LEU A 275 -17.08 -9.90 11.00
N PHE B 3 -1.08 10.61 -3.53
CA PHE B 3 -2.11 11.08 -4.48
C PHE B 3 -3.36 10.68 -3.79
#